data_2A4E
#
_entry.id   2A4E
#
_cell.length_a   203.249
_cell.length_b   203.249
_cell.length_c   42.811
_cell.angle_alpha   90.00
_cell.angle_beta   90.00
_cell.angle_gamma   120.00
#
_symmetry.space_group_name_H-M   'P 62 2 2'
#
loop_
_entity.id
_entity.type
_entity.pdbx_description
1 polymer Cadherin-11
2 non-polymer 'CALCIUM ION'
3 water water
#
_entity_poly.entity_id   1
_entity_poly.type   'polypeptide(L)'
_entity_poly.pdbx_seq_one_letter_code
;SGWVWNQFFVIEEYTGPDPVLVGRLHSDIDSGDGNIKYILSGEGAGTIFVIDDKSGNIHATKTLDREERAQYTLMAQAVD
RDTNRPLEPPSEFIVKVQDINDNPPEFLHEIYHANVPERSNVGTSVIQVTASDADDPTYGNSAKLVYSILEGQPYFSVEA
QTGIIRTALPNMDREAKEEYHVVIQAKDMGGHMGGLSGTTKVTITLTDDYKDDDK
;
_entity_poly.pdbx_strand_id   A
#
loop_
_chem_comp.id
_chem_comp.type
_chem_comp.name
_chem_comp.formula
CA non-polymer 'CALCIUM ION' 'Ca 2'
#
# COMPACT_ATOMS: atom_id res chain seq x y z
N SER A 1 -10.58 -11.74 -25.65
CA SER A 1 -11.81 -10.99 -26.08
C SER A 1 -12.78 -10.88 -24.93
N GLY A 2 -13.26 -9.64 -24.72
CA GLY A 2 -13.95 -9.27 -23.48
C GLY A 2 -13.04 -9.16 -22.25
N TRP A 3 -12.37 -10.25 -21.91
CA TRP A 3 -11.43 -10.30 -20.82
C TRP A 3 -10.25 -9.41 -21.11
N VAL A 4 -9.68 -8.72 -20.12
CA VAL A 4 -8.51 -7.86 -20.35
C VAL A 4 -7.30 -8.49 -19.73
N TRP A 5 -6.26 -8.77 -20.53
CA TRP A 5 -5.11 -9.50 -20.01
C TRP A 5 -3.76 -8.77 -20.15
N ASN A 6 -3.75 -7.62 -20.82
CA ASN A 6 -2.48 -6.95 -21.07
C ASN A 6 -2.00 -6.02 -19.95
N GLN A 7 -1.77 -6.58 -18.78
CA GLN A 7 -1.03 -5.86 -17.79
C GLN A 7 -0.23 -6.85 -17.00
N PHE A 8 0.90 -6.37 -16.49
CA PHE A 8 1.82 -7.23 -15.80
C PHE A 8 2.13 -6.73 -14.40
N PHE A 9 2.38 -7.67 -13.48
CA PHE A 9 2.61 -7.28 -12.10
C PHE A 9 4.01 -7.55 -11.65
N VAL A 10 4.55 -6.69 -10.78
CA VAL A 10 5.92 -6.88 -10.32
C VAL A 10 6.00 -6.61 -8.85
N ILE A 11 6.40 -7.61 -8.09
CA ILE A 11 6.53 -7.45 -6.65
C ILE A 11 7.63 -6.41 -6.41
N GLU A 12 7.33 -5.41 -5.59
CA GLU A 12 8.25 -4.34 -5.28
C GLU A 12 9.31 -4.80 -4.26
N GLU A 13 10.39 -4.03 -4.15
CA GLU A 13 11.47 -4.30 -3.20
C GLU A 13 12.08 -5.70 -3.29
N TYR A 14 12.12 -6.28 -4.50
CA TYR A 14 12.80 -7.57 -4.72
C TYR A 14 14.29 -7.37 -4.69
N THR A 15 15.00 -8.14 -3.86
CA THR A 15 16.46 -7.99 -3.77
C THR A 15 17.24 -9.30 -3.91
N GLY A 16 16.53 -10.36 -4.28
CA GLY A 16 17.19 -11.59 -4.71
C GLY A 16 18.14 -11.28 -5.86
N PRO A 17 19.04 -12.23 -6.18
CA PRO A 17 20.10 -12.02 -7.18
C PRO A 17 19.65 -12.14 -8.63
N ASP A 18 18.56 -12.85 -8.91
CA ASP A 18 18.16 -13.09 -10.31
C ASP A 18 17.00 -12.18 -10.65
N PRO A 19 16.98 -11.60 -11.88
CA PRO A 19 15.98 -10.60 -12.27
C PRO A 19 14.54 -11.14 -12.36
N VAL A 20 13.57 -10.33 -11.98
CA VAL A 20 12.19 -10.77 -11.95
C VAL A 20 11.65 -10.72 -13.35
N LEU A 21 11.13 -11.85 -13.80
CA LEU A 21 10.44 -11.87 -15.06
C LEU A 21 9.10 -11.15 -14.95
N VAL A 22 8.98 -10.00 -15.57
CA VAL A 22 7.78 -9.19 -15.50
C VAL A 22 6.61 -9.81 -16.30
N GLY A 23 6.90 -10.26 -17.51
CA GLY A 23 5.91 -10.80 -18.42
C GLY A 23 6.57 -11.02 -19.77
N ARG A 24 5.82 -11.51 -20.74
CA ARG A 24 6.40 -11.68 -22.08
C ARG A 24 5.50 -11.16 -23.21
N LEU A 25 6.08 -10.46 -24.17
CA LEU A 25 5.37 -10.17 -25.40
C LEU A 25 5.42 -11.47 -26.17
N HIS A 26 4.35 -11.75 -26.91
CA HIS A 26 4.27 -12.99 -27.67
C HIS A 26 3.11 -12.92 -28.66
N SER A 27 3.37 -13.33 -29.90
CA SER A 27 2.38 -13.31 -30.94
C SER A 27 1.90 -14.71 -31.29
N ASP A 28 0.64 -14.78 -31.70
CA ASP A 28 0.02 -16.05 -32.01
C ASP A 28 0.55 -16.67 -33.31
N ILE A 29 1.16 -15.88 -34.21
CA ILE A 29 1.84 -16.47 -35.38
C ILE A 29 3.18 -17.08 -35.04
N ASP A 30 3.81 -16.61 -33.97
CA ASP A 30 5.08 -17.13 -33.45
C ASP A 30 5.08 -18.62 -33.18
N SER A 31 5.57 -19.37 -34.15
CA SER A 31 5.78 -20.80 -34.04
C SER A 31 7.01 -21.04 -33.16
N GLY A 32 7.56 -19.95 -32.62
CA GLY A 32 8.82 -19.98 -31.88
C GLY A 32 9.92 -20.60 -32.71
N ASP A 33 9.98 -20.25 -33.99
CA ASP A 33 11.07 -20.68 -34.83
C ASP A 33 12.18 -19.63 -34.77
N GLY A 34 11.83 -18.39 -34.49
CA GLY A 34 12.84 -17.38 -34.19
C GLY A 34 12.93 -16.25 -35.19
N ASN A 35 12.07 -16.30 -36.19
CA ASN A 35 12.01 -15.29 -37.26
C ASN A 35 11.35 -13.99 -36.81
N ILE A 36 11.05 -13.91 -35.52
CA ILE A 36 10.25 -12.81 -35.04
C ILE A 36 11.02 -12.07 -33.98
N LYS A 37 11.09 -10.76 -34.16
CA LYS A 37 11.86 -9.90 -33.28
C LYS A 37 10.93 -8.95 -32.50
N TYR A 38 10.91 -9.09 -31.19
CA TYR A 38 10.04 -8.27 -30.39
C TYR A 38 10.74 -7.00 -29.98
N ILE A 39 10.00 -5.92 -29.83
CA ILE A 39 10.56 -4.60 -29.54
C ILE A 39 9.73 -3.92 -28.45
N LEU A 40 10.41 -3.27 -27.50
CA LEU A 40 9.72 -2.69 -26.36
C LEU A 40 10.09 -1.21 -26.19
N SER A 41 9.17 -0.30 -26.49
CA SER A 41 9.39 1.11 -26.16
C SER A 41 8.56 1.54 -24.93
N GLY A 42 8.67 2.81 -24.54
CA GLY A 42 7.92 3.34 -23.39
C GLY A 42 8.72 3.58 -22.12
N GLU A 43 8.00 3.81 -21.01
CA GLU A 43 8.61 4.19 -19.72
C GLU A 43 9.44 3.10 -19.04
N GLY A 44 10.69 3.44 -18.75
CA GLY A 44 11.64 2.49 -18.16
C GLY A 44 12.12 1.42 -19.13
N ALA A 45 11.53 1.43 -20.32
CA ALA A 45 11.87 0.48 -21.35
C ALA A 45 13.29 0.77 -21.71
N GLY A 46 14.16 -0.22 -21.58
CA GLY A 46 15.59 -0.06 -21.84
C GLY A 46 16.37 0.22 -20.58
N THR A 47 15.72 0.83 -19.61
CA THR A 47 16.37 1.19 -18.35
C THR A 47 16.00 0.19 -17.27
N ILE A 48 14.73 0.21 -16.86
CA ILE A 48 14.23 -0.70 -15.81
C ILE A 48 13.78 -2.03 -16.38
N PHE A 49 13.22 -1.96 -17.60
CA PHE A 49 12.65 -3.10 -18.31
C PHE A 49 13.37 -3.37 -19.61
N VAL A 50 13.62 -4.65 -19.81
CA VAL A 50 14.58 -5.08 -20.77
C VAL A 50 14.04 -6.34 -21.38
N ILE A 51 14.09 -6.44 -22.70
CA ILE A 51 13.44 -7.55 -23.39
C ILE A 51 14.41 -8.41 -24.18
N ASP A 52 14.25 -9.73 -24.12
CA ASP A 52 14.99 -10.62 -25.01
C ASP A 52 14.19 -10.68 -26.29
N ASP A 53 14.77 -10.21 -27.41
CA ASP A 53 14.02 -10.08 -28.63
C ASP A 53 13.68 -11.38 -29.40
N LYS A 54 14.12 -12.55 -28.92
CA LYS A 54 13.60 -13.82 -29.48
C LYS A 54 12.47 -14.34 -28.60
N SER A 55 12.78 -14.52 -27.32
CA SER A 55 11.81 -15.06 -26.37
C SER A 55 10.70 -14.06 -26.09
N GLY A 56 11.04 -12.77 -26.18
CA GLY A 56 10.10 -11.70 -25.90
C GLY A 56 9.93 -11.50 -24.41
N ASN A 57 10.80 -12.09 -23.59
CA ASN A 57 10.70 -11.94 -22.14
C ASN A 57 11.13 -10.56 -21.66
N ILE A 58 10.25 -9.87 -20.93
CA ILE A 58 10.67 -8.66 -20.18
C ILE A 58 11.11 -8.96 -18.73
N HIS A 59 12.18 -8.32 -18.28
CA HIS A 59 12.70 -8.58 -16.94
C HIS A 59 12.94 -7.24 -16.32
N ALA A 60 12.84 -7.22 -15.00
CA ALA A 60 13.10 -6.02 -14.23
C ALA A 60 14.59 -5.95 -13.89
N THR A 61 15.27 -4.89 -14.33
CA THR A 61 16.69 -4.74 -14.02
C THR A 61 16.99 -4.18 -12.60
N LYS A 62 16.01 -3.51 -11.98
CA LYS A 62 16.21 -2.84 -10.68
C LYS A 62 15.26 -3.32 -9.58
N THR A 63 15.67 -3.15 -8.33
CA THR A 63 14.68 -3.21 -7.26
C THR A 63 13.77 -2.01 -7.52
N LEU A 64 12.46 -2.22 -7.43
CA LEU A 64 11.47 -1.17 -7.63
C LEU A 64 10.79 -0.77 -6.32
N ASP A 65 10.60 0.53 -6.08
CA ASP A 65 9.87 0.96 -4.89
C ASP A 65 8.49 1.46 -5.27
N ARG A 66 7.46 0.68 -4.94
CA ARG A 66 6.12 0.97 -5.45
C ARG A 66 5.66 2.28 -4.89
N GLU A 67 6.32 2.71 -3.81
CA GLU A 67 6.12 4.04 -3.23
C GLU A 67 6.50 5.17 -4.18
N GLU A 68 7.51 4.92 -5.04
CA GLU A 68 8.02 5.86 -6.07
C GLU A 68 7.25 5.86 -7.39
N ARG A 69 6.88 4.67 -7.86
CA ARG A 69 6.15 4.55 -9.10
C ARG A 69 5.30 3.31 -9.03
N ALA A 70 3.99 3.47 -9.21
CA ALA A 70 3.11 2.30 -9.22
C ALA A 70 3.00 1.67 -10.59
N GLN A 71 3.11 2.51 -11.62
CA GLN A 71 2.91 2.06 -12.98
C GLN A 71 3.96 2.46 -13.97
N TYR A 72 4.01 1.70 -15.06
CA TYR A 72 4.70 2.07 -16.28
C TYR A 72 3.87 1.57 -17.46
N THR A 73 3.55 2.49 -18.35
CA THR A 73 2.98 2.16 -19.67
C THR A 73 4.10 1.89 -20.70
N LEU A 74 4.04 0.72 -21.32
CA LEU A 74 5.04 0.32 -22.28
C LEU A 74 4.34 0.02 -23.59
N MET A 75 5.13 -0.05 -24.67
CA MET A 75 4.64 -0.32 -26.02
C MET A 75 5.29 -1.59 -26.57
N ALA A 76 4.47 -2.53 -27.00
CA ALA A 76 5.01 -3.72 -27.64
C ALA A 76 5.01 -3.59 -29.17
N GLN A 77 6.12 -3.92 -29.83
CA GLN A 77 6.10 -4.22 -31.27
C GLN A 77 6.58 -5.62 -31.58
N ALA A 78 6.25 -6.10 -32.77
CA ALA A 78 6.82 -7.34 -33.24
C ALA A 78 7.02 -7.28 -34.73
N VAL A 79 8.27 -7.29 -35.17
CA VAL A 79 8.56 -7.26 -36.58
C VAL A 79 9.15 -8.57 -37.03
N ASP A 80 8.86 -8.91 -38.27
CA ASP A 80 9.49 -10.02 -38.96
C ASP A 80 10.99 -9.79 -39.18
N ARG A 81 11.76 -10.66 -38.55
CA ARG A 81 13.22 -10.64 -38.56
C ARG A 81 13.78 -10.49 -39.99
N ASP A 82 13.24 -11.25 -40.96
CA ASP A 82 13.67 -11.15 -42.38
C ASP A 82 13.15 -9.91 -43.16
N THR A 83 11.85 -9.87 -43.48
CA THR A 83 11.18 -8.74 -44.17
C THR A 83 11.19 -7.40 -43.41
N ASN A 84 11.44 -7.48 -42.11
CA ASN A 84 11.36 -6.34 -41.22
C ASN A 84 9.98 -5.67 -41.12
N ARG A 85 8.99 -6.19 -41.85
CA ARG A 85 7.65 -5.66 -41.72
C ARG A 85 7.09 -6.00 -40.33
N PRO A 86 6.06 -5.26 -39.88
CA PRO A 86 5.55 -5.60 -38.56
C PRO A 86 4.64 -6.81 -38.68
N LEU A 87 4.51 -7.56 -37.61
CA LEU A 87 3.70 -8.77 -37.62
C LEU A 87 2.43 -8.63 -36.77
N GLU A 88 2.48 -7.67 -35.83
CA GLU A 88 1.36 -7.22 -35.01
C GLU A 88 1.32 -5.72 -35.02
N PRO A 89 0.14 -5.12 -34.85
CA PRO A 89 0.28 -3.67 -34.75
C PRO A 89 0.77 -3.33 -33.34
N PRO A 90 1.41 -2.17 -33.19
CA PRO A 90 2.03 -1.90 -31.90
C PRO A 90 0.94 -1.62 -30.87
N SER A 91 1.04 -2.22 -29.69
CA SER A 91 0.05 -1.96 -28.62
C SER A 91 0.63 -1.70 -27.22
N GLU A 92 -0.09 -0.86 -26.47
CA GLU A 92 0.31 -0.51 -25.13
C GLU A 92 -0.01 -1.58 -24.14
N PHE A 93 0.69 -1.57 -23.03
CA PHE A 93 0.34 -2.37 -21.86
C PHE A 93 0.94 -1.65 -20.66
N ILE A 94 0.55 -2.04 -19.46
CA ILE A 94 1.04 -1.38 -18.25
C ILE A 94 1.62 -2.40 -17.32
N VAL A 95 2.80 -2.13 -16.79
CA VAL A 95 3.26 -2.96 -15.70
C VAL A 95 2.99 -2.16 -14.44
N LYS A 96 2.49 -2.88 -13.44
CA LYS A 96 2.01 -2.31 -12.20
C LYS A 96 2.85 -2.91 -11.11
N VAL A 97 3.49 -2.06 -10.31
CA VAL A 97 4.37 -2.52 -9.25
C VAL A 97 3.47 -2.96 -8.12
N GLN A 98 3.50 -4.23 -7.73
CA GLN A 98 2.62 -4.72 -6.64
C GLN A 98 3.12 -4.19 -5.31
N ASP A 99 2.22 -3.67 -4.49
CA ASP A 99 2.61 -3.13 -3.20
C ASP A 99 2.99 -4.25 -2.22
N ILE A 100 3.98 -3.94 -1.39
CA ILE A 100 4.46 -4.81 -0.32
C ILE A 100 4.28 -3.98 0.92
N ASN A 101 4.11 -4.63 2.05
CA ASN A 101 3.94 -3.87 3.27
C ASN A 101 5.27 -3.49 3.88
N ASP A 102 5.87 -2.40 3.46
CA ASP A 102 7.17 -2.03 3.99
C ASP A 102 7.16 -0.70 4.74
N ASN A 103 5.97 -0.21 5.04
CA ASN A 103 5.86 0.99 5.83
C ASN A 103 4.95 0.75 7.02
N PRO A 104 5.36 1.25 8.20
CA PRO A 104 4.55 1.04 9.36
C PRO A 104 3.66 2.25 9.52
N PRO A 105 2.43 2.08 10.04
CA PRO A 105 1.50 3.20 10.21
C PRO A 105 2.09 4.23 11.15
N GLU A 106 1.86 5.50 10.87
CA GLU A 106 2.45 6.60 11.61
C GLU A 106 1.38 7.62 12.02
N PHE A 107 1.38 8.04 13.30
CA PHE A 107 0.35 8.99 13.77
C PHE A 107 0.63 10.46 13.44
N LEU A 108 -0.40 11.20 13.05
CA LEU A 108 -0.20 12.57 12.57
C LEU A 108 0.64 13.45 13.51
N HIS A 109 0.20 13.56 14.78
CA HIS A 109 1.09 13.92 15.91
C HIS A 109 1.17 12.71 16.84
N GLU A 110 2.28 12.61 17.56
CA GLU A 110 2.46 11.50 18.50
C GLU A 110 2.30 11.98 19.96
N ILE A 111 1.50 13.03 20.12
CA ILE A 111 1.00 13.48 21.41
C ILE A 111 -0.18 14.38 21.12
N TYR A 112 -1.35 13.85 21.40
CA TYR A 112 -2.58 14.58 21.22
C TYR A 112 -3.05 15.14 22.57
N HIS A 113 -3.73 16.30 22.53
CA HIS A 113 -4.24 16.94 23.72
C HIS A 113 -5.75 17.11 23.62
N ALA A 114 -6.45 16.30 24.39
CA ALA A 114 -7.90 16.27 24.31
C ALA A 114 -8.50 16.67 25.63
N ASN A 115 -9.76 17.08 25.60
CA ASN A 115 -10.49 17.36 26.83
C ASN A 115 -11.96 17.01 26.72
N VAL A 116 -12.58 16.62 27.81
CA VAL A 116 -13.97 16.19 27.80
C VAL A 116 -14.63 16.49 29.14
N PRO A 117 -15.91 16.96 29.13
CA PRO A 117 -16.62 17.28 30.37
C PRO A 117 -16.71 16.14 31.41
N GLU A 118 -16.47 16.52 32.66
CA GLU A 118 -16.54 15.69 33.87
C GLU A 118 -17.54 14.57 33.86
N ARG A 119 -18.82 14.89 33.96
CA ARG A 119 -19.79 13.82 34.12
C ARG A 119 -20.36 13.24 32.82
N SER A 120 -19.71 13.50 31.68
CA SER A 120 -20.15 12.95 30.38
C SER A 120 -20.68 11.54 30.48
N ASN A 121 -21.65 11.21 29.64
CA ASN A 121 -22.14 9.85 29.53
C ASN A 121 -21.16 8.91 28.88
N VAL A 122 -21.15 7.64 29.30
CA VAL A 122 -20.36 6.66 28.54
C VAL A 122 -20.69 6.80 27.06
N GLY A 123 -19.68 6.81 26.21
CA GLY A 123 -19.93 6.91 24.77
C GLY A 123 -19.58 8.25 24.18
N THR A 124 -19.66 9.31 24.99
CA THR A 124 -19.26 10.66 24.57
C THR A 124 -17.88 10.63 23.90
N SER A 125 -17.75 11.31 22.76
CA SER A 125 -16.44 11.31 22.06
C SER A 125 -15.48 12.38 22.63
N VAL A 126 -14.19 12.06 22.58
CA VAL A 126 -13.12 12.89 23.14
C VAL A 126 -12.26 13.49 22.03
N ILE A 127 -11.80 12.63 21.11
CA ILE A 127 -10.92 13.03 20.00
C ILE A 127 -10.73 11.94 18.92
N GLN A 128 -10.67 12.38 17.66
CA GLN A 128 -10.34 11.57 16.48
C GLN A 128 -8.83 11.40 16.42
N VAL A 129 -8.30 10.19 16.38
CA VAL A 129 -6.85 10.14 16.10
C VAL A 129 -6.53 9.28 14.90
N THR A 130 -5.74 9.80 13.98
CA THR A 130 -5.49 9.03 12.77
C THR A 130 -4.03 8.87 12.42
N ALA A 131 -3.73 7.67 11.96
CA ALA A 131 -2.42 7.34 11.43
C ALA A 131 -2.43 7.34 9.87
N SER A 132 -1.51 8.08 9.27
CA SER A 132 -1.23 7.91 7.84
C SER A 132 -0.42 6.63 7.67
N ASP A 133 -0.52 5.97 6.52
CA ASP A 133 0.32 4.79 6.31
C ASP A 133 0.78 4.78 4.89
N ALA A 134 2.10 4.75 4.72
CA ALA A 134 2.72 5.11 3.44
C ALA A 134 2.52 4.13 2.27
N ASP A 135 2.00 2.94 2.56
CA ASP A 135 1.76 1.91 1.56
C ASP A 135 0.49 2.18 0.77
N ASP A 136 0.10 1.24 -0.08
CA ASP A 136 -1.01 1.40 -1.04
C ASP A 136 -2.42 1.15 -0.52
N PRO A 137 -3.18 2.24 -0.25
CA PRO A 137 -4.51 2.11 0.31
C PRO A 137 -5.43 1.52 -0.74
N THR A 138 -5.14 1.81 -2.00
CA THR A 138 -5.84 1.23 -3.13
C THR A 138 -5.78 -0.30 -3.06
N TYR A 139 -4.62 -0.89 -3.39
CA TYR A 139 -4.56 -2.36 -3.66
C TYR A 139 -4.58 -3.30 -2.43
N GLY A 140 -3.70 -3.04 -1.47
CA GLY A 140 -3.32 -4.12 -0.59
C GLY A 140 -4.23 -4.25 0.58
N ASN A 141 -3.64 -3.93 1.72
CA ASN A 141 -4.23 -3.82 3.05
C ASN A 141 -3.05 -3.68 4.01
N SER A 142 -1.88 -3.43 3.42
CA SER A 142 -0.70 -3.03 4.15
C SER A 142 -0.99 -1.62 4.63
N ALA A 143 -2.20 -1.17 4.28
CA ALA A 143 -2.65 0.20 4.52
C ALA A 143 -3.98 0.26 5.27
N LYS A 144 -4.61 -0.91 5.43
CA LYS A 144 -5.81 -1.09 6.23
C LYS A 144 -5.39 -1.14 7.69
N LEU A 145 -5.72 -0.04 8.36
CA LEU A 145 -5.35 0.27 9.73
C LEU A 145 -6.45 -0.11 10.72
N VAL A 146 -6.03 -0.68 11.86
CA VAL A 146 -6.97 -0.95 12.95
C VAL A 146 -6.44 -0.24 14.18
N TYR A 147 -7.33 0.46 14.90
CA TYR A 147 -6.97 1.12 16.18
C TYR A 147 -7.39 0.37 17.45
N SER A 148 -6.39 0.09 18.30
CA SER A 148 -6.63 -0.48 19.63
C SER A 148 -6.22 0.52 20.71
N ILE A 149 -6.82 0.37 21.89
CA ILE A 149 -6.42 1.17 23.06
C ILE A 149 -5.46 0.35 23.93
N LEU A 150 -4.30 0.92 24.18
CA LEU A 150 -3.25 0.17 24.82
C LEU A 150 -3.16 0.49 26.31
N GLU A 151 -3.05 1.78 26.62
CA GLU A 151 -3.12 2.30 27.97
C GLU A 151 -4.34 3.18 27.99
N GLY A 152 -5.06 3.19 29.11
CA GLY A 152 -6.13 4.16 29.37
C GLY A 152 -7.49 3.54 29.61
N GLN A 153 -7.54 2.23 29.66
CA GLN A 153 -8.78 1.54 29.85
C GLN A 153 -8.70 1.06 31.26
N PRO A 154 -9.85 0.98 31.99
CA PRO A 154 -11.20 1.00 31.48
C PRO A 154 -11.80 2.37 31.40
N TYR A 155 -11.01 3.42 31.24
CA TYR A 155 -11.60 4.73 31.36
C TYR A 155 -12.19 5.16 30.04
N PHE A 156 -11.54 4.77 28.96
CA PHE A 156 -11.89 5.25 27.61
C PHE A 156 -11.80 4.12 26.62
N SER A 157 -12.46 4.28 25.48
CA SER A 157 -12.43 3.32 24.38
C SER A 157 -11.93 3.99 23.12
N VAL A 158 -11.58 3.18 22.12
CA VAL A 158 -11.33 3.70 20.79
C VAL A 158 -11.98 2.88 19.68
N GLU A 159 -12.72 3.58 18.84
CA GLU A 159 -13.40 2.99 17.70
C GLU A 159 -12.42 2.26 16.74
N ALA A 160 -12.69 0.97 16.55
CA ALA A 160 -11.81 0.09 15.75
C ALA A 160 -11.28 0.68 14.43
N GLN A 161 -12.15 1.18 13.56
CA GLN A 161 -11.62 1.83 12.36
C GLN A 161 -11.56 3.33 12.44
N THR A 162 -12.54 3.98 13.05
CA THR A 162 -12.56 5.43 12.95
C THR A 162 -11.38 6.07 13.71
N GLY A 163 -10.85 5.36 14.70
CA GLY A 163 -9.85 5.91 15.61
C GLY A 163 -10.40 7.02 16.51
N ILE A 164 -11.69 7.00 16.83
CA ILE A 164 -12.19 8.01 17.77
C ILE A 164 -12.27 7.46 19.17
N ILE A 165 -11.75 8.27 20.09
CA ILE A 165 -11.68 7.91 21.50
C ILE A 165 -12.90 8.46 22.18
N ARG A 166 -13.65 7.59 22.86
CA ARG A 166 -14.81 8.05 23.60
C ARG A 166 -14.69 7.60 25.05
N THR A 167 -15.33 8.34 25.95
CA THR A 167 -15.40 7.97 27.37
C THR A 167 -16.12 6.63 27.47
N ALA A 168 -15.78 5.83 28.48
CA ALA A 168 -16.40 4.51 28.57
C ALA A 168 -16.71 4.11 30.00
N LEU A 169 -17.22 5.05 30.78
CA LEU A 169 -17.42 4.83 32.19
C LEU A 169 -18.32 5.97 32.66
N PRO A 170 -19.35 5.65 33.47
CA PRO A 170 -20.33 6.62 33.91
C PRO A 170 -19.73 7.49 34.97
N ASN A 171 -20.57 8.31 35.60
CA ASN A 171 -20.15 9.15 36.74
C ASN A 171 -18.65 9.24 36.94
N MET A 172 -17.99 9.97 36.04
CA MET A 172 -16.57 10.14 36.10
C MET A 172 -16.24 11.47 36.74
N ASP A 173 -16.68 11.66 37.99
CA ASP A 173 -16.42 12.92 38.69
C ASP A 173 -14.92 13.28 38.61
N ARG A 174 -14.64 14.58 38.48
CA ARG A 174 -13.29 15.14 38.19
C ARG A 174 -12.27 15.07 39.35
N GLU A 175 -12.69 15.44 40.57
CA GLU A 175 -11.89 15.18 41.78
C GLU A 175 -10.98 13.94 41.58
N ALA A 176 -11.61 12.78 41.38
CA ALA A 176 -10.90 11.56 41.05
C ALA A 176 -9.44 11.81 40.57
N LYS A 177 -9.23 11.91 39.24
CA LYS A 177 -7.87 11.95 38.65
C LYS A 177 -7.68 13.28 37.92
N GLU A 178 -6.48 13.86 38.04
CA GLU A 178 -6.15 15.21 37.48
C GLU A 178 -6.20 15.32 35.92
N GLU A 179 -5.40 14.50 35.21
CA GLU A 179 -5.36 14.43 33.75
C GLU A 179 -5.08 12.99 33.35
N TYR A 180 -5.88 12.44 32.44
CA TYR A 180 -5.77 11.03 32.03
C TYR A 180 -4.76 10.80 30.88
N HIS A 181 -3.95 9.74 30.98
CA HIS A 181 -2.96 9.43 29.96
C HIS A 181 -3.31 8.18 29.19
N VAL A 182 -3.70 8.32 27.93
CA VAL A 182 -4.03 7.14 27.12
C VAL A 182 -3.00 6.94 26.02
N VAL A 183 -2.86 5.68 25.60
CA VAL A 183 -2.05 5.30 24.45
C VAL A 183 -2.88 4.51 23.44
N ILE A 184 -2.94 5.02 22.19
CA ILE A 184 -3.60 4.32 21.10
C ILE A 184 -2.61 3.68 20.13
N GLN A 185 -2.86 2.43 19.71
CA GLN A 185 -2.05 1.76 18.68
C GLN A 185 -2.79 1.67 17.33
N ALA A 186 -2.03 1.75 16.23
CA ALA A 186 -2.60 1.61 14.87
C ALA A 186 -1.84 0.52 14.16
N LYS A 187 -2.55 -0.47 13.60
CA LYS A 187 -1.86 -1.64 13.04
C LYS A 187 -2.25 -1.91 11.58
N ASP A 188 -1.23 -2.16 10.73
CA ASP A 188 -1.38 -2.67 9.37
C ASP A 188 -2.15 -3.92 9.24
N MET A 189 -2.80 -4.05 8.10
CA MET A 189 -3.19 -5.35 7.64
C MET A 189 -4.36 -5.74 8.42
N GLY A 190 -5.28 -4.78 8.56
CA GLY A 190 -6.50 -4.96 9.34
C GLY A 190 -6.13 -5.55 10.68
N GLY A 191 -4.92 -5.19 11.13
CA GLY A 191 -4.30 -5.65 12.36
C GLY A 191 -4.02 -7.14 12.54
N HIS A 192 -3.83 -7.90 11.47
CA HIS A 192 -3.58 -9.33 11.61
C HIS A 192 -2.15 -9.73 11.96
N MET A 193 -1.99 -11.02 12.28
CA MET A 193 -0.68 -11.55 12.60
C MET A 193 0.29 -11.07 11.50
N GLY A 194 1.31 -10.31 11.89
CA GLY A 194 2.24 -9.75 10.92
C GLY A 194 2.22 -8.25 10.95
N GLY A 195 1.08 -7.66 10.64
CA GLY A 195 0.92 -6.19 10.52
C GLY A 195 1.90 -5.32 11.28
N LEU A 196 2.51 -4.37 10.58
CA LEU A 196 3.36 -3.36 11.20
C LEU A 196 2.51 -2.36 11.97
N SER A 197 3.05 -1.76 13.04
CA SER A 197 2.26 -0.79 13.84
C SER A 197 2.96 0.48 14.36
N GLY A 198 2.17 1.37 14.92
CA GLY A 198 2.70 2.58 15.52
C GLY A 198 1.71 3.11 16.54
N THR A 199 2.21 3.89 17.49
CA THR A 199 1.34 4.41 18.52
C THR A 199 1.42 5.92 18.71
N THR A 200 0.62 6.40 19.64
CA THR A 200 0.60 7.78 20.04
C THR A 200 0.06 7.86 21.47
N LYS A 201 0.19 9.02 22.09
CA LYS A 201 -0.36 9.22 23.40
C LYS A 201 -1.35 10.37 23.35
N VAL A 202 -2.55 10.15 23.89
CA VAL A 202 -3.46 11.27 24.05
C VAL A 202 -3.51 11.58 25.54
N THR A 203 -3.46 12.87 25.86
CA THR A 203 -3.53 13.34 27.23
C THR A 203 -4.80 14.14 27.42
N ILE A 204 -5.71 13.56 28.21
CA ILE A 204 -7.04 14.11 28.39
C ILE A 204 -7.27 14.82 29.70
N THR A 205 -7.75 16.06 29.62
CA THR A 205 -8.35 16.76 30.75
C THR A 205 -9.87 16.48 30.86
N LEU A 206 -10.37 16.21 32.08
CA LEU A 206 -11.82 16.28 32.30
C LEU A 206 -12.15 17.70 32.72
N THR A 207 -12.97 18.38 31.92
CA THR A 207 -13.35 19.75 32.17
C THR A 207 -14.37 19.72 33.29
N ASP A 208 -14.59 20.86 33.95
CA ASP A 208 -15.64 20.93 34.96
C ASP A 208 -17.03 21.16 34.37
CA CA B . 1.84 -0.27 6.03
CA CA C . 4.87 -0.67 -0.15
CA CA D . 8.51 0.33 -0.91
#